data_6P6Z
#
_entry.id   6P6Z
#
_cell.length_a   43.908
_cell.length_b   60.738
_cell.length_c   61.461
_cell.angle_alpha   90.00
_cell.angle_beta   90.00
_cell.angle_gamma   90.00
#
_symmetry.space_group_name_H-M   'P 21 21 21'
#
loop_
_entity.id
_entity.type
_entity.pdbx_description
1 polymer 'Non-structural protein 4A,Serine protease NS3'
2 non-polymer 'ZINC ION'
3 non-polymer Glecaprevir
4 water water
#
_entity_poly.entity_id   1
_entity_poly.type   'polypeptide(L)'
_entity_poly.pdbx_seq_one_letter_code
;MASMKKKGSVVIVGRVVLSGGSGDTAYAQQTRGEESTQETSQTGRDTNENCGEVQVLSTATQSFLGTAVNGVMWSVYHGA
GGKTISGPKGPVNQMYTNVDQDLVGWPAPPGVKSLTPCTCGASDLYLVTRHADVVPVRRRGDTRGALLSPRPISTLKGSS
GGPLLCPMGHVAGLFRAAVCTRGVAKAVDFVPVESLETTMRSP
;
_entity_poly.pdbx_strand_id   A
#
loop_
_chem_comp.id
_chem_comp.type
_chem_comp.name
_chem_comp.formula
O31 non-polymer Glecaprevir 'C38 H46 F4 N6 O9 S'
ZN non-polymer 'ZINC ION' 'Zn 2'
#
# COMPACT_ATOMS: atom_id res chain seq x y z
N GLY A 8 12.55 13.91 9.82
CA GLY A 8 11.44 14.68 9.27
C GLY A 8 11.10 14.30 7.84
N SER A 9 11.60 13.16 7.39
CA SER A 9 11.39 12.69 6.03
C SER A 9 11.15 11.19 6.05
N VAL A 10 10.70 10.66 4.92
CA VAL A 10 10.47 9.23 4.74
C VAL A 10 11.66 8.65 3.97
N VAL A 11 12.10 7.45 4.37
CA VAL A 11 13.26 6.80 3.80
C VAL A 11 12.86 5.43 3.29
N ILE A 12 13.43 5.03 2.16
CA ILE A 12 13.25 3.68 1.61
C ILE A 12 14.28 2.77 2.26
N VAL A 13 13.81 1.80 3.04
CA VAL A 13 14.70 0.92 3.81
C VAL A 13 14.68 -0.51 3.32
N GLY A 14 13.87 -0.83 2.32
CA GLY A 14 13.84 -2.18 1.80
C GLY A 14 12.76 -2.31 0.73
N ARG A 15 12.50 -3.55 0.34
CA ARG A 15 11.44 -3.81 -0.63
C ARG A 15 10.93 -5.23 -0.46
N VAL A 16 9.76 -5.48 -1.05
CA VAL A 16 9.15 -6.79 -1.11
C VAL A 16 9.08 -7.16 -2.59
N VAL A 17 9.84 -8.19 -2.97
CA VAL A 17 9.89 -8.62 -4.37
C VAL A 17 8.67 -9.48 -4.66
N LEU A 18 7.93 -9.10 -5.69
CA LEU A 18 6.69 -9.81 -6.06
C LEU A 18 6.96 -10.98 -7.00
N GLY A 52 8.02 -6.69 -10.32
CA GLY A 52 7.40 -5.74 -9.42
C GLY A 52 8.02 -5.77 -8.04
N GLU A 53 8.12 -4.61 -7.40
CA GLU A 53 8.73 -4.50 -6.08
C GLU A 53 7.98 -3.46 -5.27
N VAL A 54 7.49 -3.85 -4.11
CA VAL A 54 6.85 -2.95 -3.17
C VAL A 54 7.93 -2.35 -2.28
N GLN A 55 7.85 -1.04 -2.06
CA GLN A 55 8.86 -0.32 -1.28
C GLN A 55 8.49 -0.36 0.20
N VAL A 56 9.50 -0.61 1.04
CA VAL A 56 9.34 -0.56 2.48
C VAL A 56 9.80 0.82 2.96
N LEU A 57 8.88 1.58 3.55
CA LEU A 57 9.12 2.97 3.92
C LEU A 57 9.17 3.11 5.44
N SER A 58 9.99 4.05 5.91
CA SER A 58 10.17 4.24 7.34
C SER A 58 10.35 5.71 7.66
N THR A 59 9.69 6.14 8.74
CA THR A 59 9.98 7.41 9.38
C THR A 59 10.84 7.14 10.62
N ALA A 60 11.00 8.17 11.46
CA ALA A 60 11.78 7.98 12.68
C ALA A 60 11.09 7.03 13.65
N THR A 61 9.76 6.88 13.56
CA THR A 61 8.99 6.10 14.52
C THR A 61 8.17 4.97 13.92
N GLN A 62 7.89 5.01 12.61
CA GLN A 62 6.98 4.06 11.99
C GLN A 62 7.60 3.50 10.72
N SER A 63 7.14 2.30 10.35
CA SER A 63 7.51 1.66 9.10
C SER A 63 6.25 1.13 8.42
N PHE A 64 6.19 1.30 7.10
CA PHE A 64 5.02 0.90 6.33
C PHE A 64 5.50 0.61 4.90
N LEU A 65 4.56 0.57 3.96
CA LEU A 65 4.87 0.17 2.59
C LEU A 65 4.49 1.26 1.61
N GLY A 66 5.08 1.18 0.42
CA GLY A 66 4.77 2.08 -0.68
C GLY A 66 4.66 1.32 -1.99
N THR A 67 3.59 1.57 -2.74
CA THR A 67 3.31 0.88 -4.00
C THR A 67 3.27 1.88 -5.13
N ALA A 68 4.09 1.66 -6.15
CA ALA A 68 4.15 2.55 -7.30
C ALA A 68 3.10 2.14 -8.34
N VAL A 69 2.29 3.11 -8.74
CA VAL A 69 1.28 2.90 -9.78
C VAL A 69 1.15 4.18 -10.58
N ASN A 70 1.20 4.06 -11.91
CA ASN A 70 1.11 5.21 -12.80
C ASN A 70 2.20 6.22 -12.49
N GLY A 71 3.43 5.73 -12.33
CA GLY A 71 4.58 6.59 -12.09
C GLY A 71 4.56 7.33 -10.77
N VAL A 72 3.77 6.84 -9.81
CA VAL A 72 3.62 7.52 -8.53
C VAL A 72 3.71 6.47 -7.42
N MET A 73 4.60 6.69 -6.47
CA MET A 73 4.70 5.82 -5.30
C MET A 73 3.65 6.27 -4.29
N TRP A 74 2.59 5.48 -4.15
CA TRP A 74 1.51 5.80 -3.23
C TRP A 74 1.75 5.15 -1.87
N SER A 75 1.31 5.84 -0.83
CA SER A 75 1.37 5.32 0.53
C SER A 75 0.20 5.91 1.31
N VAL A 76 0.25 5.75 2.64
CA VAL A 76 -0.83 6.17 3.52
C VAL A 76 -0.39 7.40 4.30
N TYR A 77 -1.34 8.31 4.53
CA TYR A 77 -1.03 9.53 5.25
C TYR A 77 -0.75 9.26 6.72
N HIS A 78 -1.41 8.27 7.31
CA HIS A 78 -1.20 8.01 8.73
C HIS A 78 0.19 7.46 9.02
N GLY A 79 0.96 7.11 7.99
CA GLY A 79 2.34 6.71 8.19
C GLY A 79 3.30 7.82 7.82
N ALA A 80 3.12 8.40 6.63
CA ALA A 80 4.05 9.38 6.09
C ALA A 80 3.67 10.82 6.41
N GLY A 81 2.44 11.08 6.82
CA GLY A 81 2.01 12.46 6.96
C GLY A 81 2.16 13.19 5.65
N GLY A 82 2.63 14.43 5.74
CA GLY A 82 2.99 15.21 4.56
C GLY A 82 4.48 15.22 4.28
N LYS A 83 5.24 14.34 4.91
CA LYS A 83 6.69 14.37 4.81
C LYS A 83 7.16 14.11 3.39
N THR A 84 8.39 14.51 3.11
CA THR A 84 9.03 14.28 1.83
C THR A 84 9.67 12.90 1.81
N ILE A 85 9.99 12.43 0.61
CA ILE A 85 10.72 11.19 0.40
C ILE A 85 12.18 11.56 0.18
N SER A 86 13.06 11.09 1.06
CA SER A 86 14.46 11.44 0.99
C SER A 86 15.24 10.41 0.18
N GLY A 87 16.46 10.77 -0.18
CA GLY A 87 17.34 9.92 -0.95
C GLY A 87 18.57 10.67 -1.39
N PRO A 88 19.53 9.96 -2.00
CA PRO A 88 20.77 10.62 -2.43
C PRO A 88 20.54 11.82 -3.34
N LYS A 89 19.47 11.83 -4.15
CA LYS A 89 19.22 12.97 -5.01
C LYS A 89 18.56 14.14 -4.29
N GLY A 90 18.33 14.04 -2.99
CA GLY A 90 17.71 15.09 -2.23
C GLY A 90 16.25 14.82 -1.96
N PRO A 91 15.66 15.54 -1.02
CA PRO A 91 14.25 15.30 -0.67
C PRO A 91 13.33 15.72 -1.81
N VAL A 92 12.27 14.94 -2.01
CA VAL A 92 11.26 15.21 -3.01
C VAL A 92 9.91 15.39 -2.31
N ASN A 93 9.20 16.47 -2.64
CA ASN A 93 7.93 16.76 -2.00
C ASN A 93 6.84 15.84 -2.54
N GLN A 94 5.84 15.60 -1.69
CA GLN A 94 4.66 14.87 -2.13
C GLN A 94 3.94 15.65 -3.22
N MET A 95 3.46 14.93 -4.23
N MET A 95 3.46 14.93 -4.23
CA MET A 95 2.63 15.52 -5.27
CA MET A 95 2.63 15.53 -5.27
C MET A 95 1.14 15.23 -5.08
C MET A 95 1.14 15.29 -5.03
N TYR A 96 0.78 14.42 -4.09
CA TYR A 96 -0.61 14.12 -3.78
C TYR A 96 -0.71 13.97 -2.27
N THR A 97 -1.71 14.61 -1.67
CA THR A 97 -1.89 14.58 -0.21
C THR A 97 -3.37 14.72 0.08
N ASN A 98 -4.00 13.62 0.50
CA ASN A 98 -5.43 13.60 0.82
C ASN A 98 -5.59 13.00 2.22
N VAL A 99 -5.82 13.88 3.21
CA VAL A 99 -5.96 13.42 4.59
C VAL A 99 -7.23 12.61 4.75
N ASP A 100 -8.33 13.06 4.15
CA ASP A 100 -9.60 12.35 4.30
C ASP A 100 -9.49 10.90 3.86
N GLN A 101 -8.84 10.66 2.73
CA GLN A 101 -8.72 9.30 2.18
C GLN A 101 -7.48 8.57 2.67
N ASP A 102 -6.64 9.22 3.49
CA ASP A 102 -5.45 8.58 4.04
C ASP A 102 -4.45 8.22 2.95
N LEU A 103 -4.46 8.95 1.84
CA LEU A 103 -3.67 8.64 0.66
C LEU A 103 -2.65 9.75 0.41
N VAL A 104 -1.39 9.35 0.18
CA VAL A 104 -0.33 10.28 -0.19
C VAL A 104 0.43 9.67 -1.38
N GLY A 105 1.14 10.54 -2.09
CA GLY A 105 1.91 10.10 -3.23
C GLY A 105 3.09 11.00 -3.55
N TRP A 106 4.25 10.39 -3.76
CA TRP A 106 5.42 11.07 -4.30
C TRP A 106 5.65 10.64 -5.74
N PRO A 107 6.33 11.45 -6.54
CA PRO A 107 6.78 10.94 -7.84
C PRO A 107 7.70 9.75 -7.63
N ALA A 108 7.41 8.68 -8.35
CA ALA A 108 8.16 7.44 -8.21
C ALA A 108 9.66 7.72 -8.24
N PRO A 109 10.42 7.36 -7.20
CA PRO A 109 11.86 7.58 -7.24
C PRO A 109 12.49 6.87 -8.42
N PRO A 110 13.65 7.32 -8.88
CA PRO A 110 14.30 6.65 -10.01
C PRO A 110 14.57 5.19 -9.71
N GLY A 111 14.08 4.31 -10.58
CA GLY A 111 14.24 2.89 -10.45
C GLY A 111 13.02 2.17 -9.91
N VAL A 112 12.10 2.89 -9.26
CA VAL A 112 10.90 2.30 -8.68
C VAL A 112 9.90 2.08 -9.82
N LYS A 113 9.85 0.85 -10.34
CA LYS A 113 8.95 0.55 -11.43
C LYS A 113 7.50 0.51 -10.94
N SER A 114 6.60 1.04 -11.75
CA SER A 114 5.18 1.07 -11.41
C SER A 114 4.53 -0.27 -11.73
N LEU A 115 3.66 -0.71 -10.85
CA LEU A 115 2.88 -1.91 -11.09
C LEU A 115 1.71 -1.61 -12.03
N THR A 116 1.19 -2.65 -12.63
CA THR A 116 0.10 -2.52 -13.61
C THR A 116 -1.25 -2.52 -12.89
N PRO A 117 -2.10 -1.52 -13.11
CA PRO A 117 -3.44 -1.56 -12.48
C PRO A 117 -4.24 -2.74 -12.99
N CYS A 118 -5.09 -3.26 -12.10
CA CYS A 118 -5.96 -4.37 -12.46
C CYS A 118 -7.13 -3.89 -13.30
N THR A 119 -7.36 -4.56 -14.42
CA THR A 119 -8.48 -4.25 -15.30
C THR A 119 -9.39 -5.45 -15.53
N CYS A 120 -9.12 -6.57 -14.87
CA CYS A 120 -9.90 -7.79 -15.07
C CYS A 120 -11.09 -7.90 -14.11
N GLY A 121 -11.22 -6.95 -13.17
CA GLY A 121 -12.36 -6.95 -12.27
C GLY A 121 -12.41 -8.13 -11.32
N ALA A 122 -11.25 -8.67 -10.94
CA ALA A 122 -11.22 -9.84 -10.08
C ALA A 122 -11.80 -9.54 -8.71
N SER A 123 -12.44 -10.55 -8.12
CA SER A 123 -12.91 -10.49 -6.74
C SER A 123 -12.04 -11.29 -5.78
N ASP A 124 -11.16 -12.15 -6.30
CA ASP A 124 -10.22 -12.90 -5.49
C ASP A 124 -8.89 -12.17 -5.53
N LEU A 125 -8.54 -11.53 -4.42
CA LEU A 125 -7.35 -10.68 -4.35
C LEU A 125 -6.33 -11.26 -3.38
N TYR A 126 -5.16 -10.62 -3.33
CA TYR A 126 -4.06 -11.06 -2.50
C TYR A 126 -3.38 -9.85 -1.88
N LEU A 127 -3.38 -9.76 -0.56
CA LEU A 127 -2.71 -8.70 0.15
C LEU A 127 -1.25 -9.06 0.36
N VAL A 128 -0.34 -8.21 -0.09
CA VAL A 128 1.10 -8.40 0.08
C VAL A 128 1.54 -7.63 1.31
N THR A 129 2.16 -8.31 2.27
CA THR A 129 2.60 -7.71 3.52
C THR A 129 4.09 -7.39 3.46
N ARG A 130 4.53 -6.62 4.46
CA ARG A 130 5.93 -6.22 4.56
C ARG A 130 6.85 -7.42 4.77
N HIS A 131 6.30 -8.56 5.18
CA HIS A 131 7.07 -9.77 5.40
C HIS A 131 7.02 -10.71 4.20
N ALA A 132 6.58 -10.22 3.04
CA ALA A 132 6.47 -10.99 1.82
C ALA A 132 5.37 -12.04 1.87
N ASP A 133 4.49 -11.98 2.86
CA ASP A 133 3.34 -12.87 2.89
C ASP A 133 2.29 -12.40 1.90
N VAL A 134 1.47 -13.34 1.43
CA VAL A 134 0.47 -13.08 0.39
C VAL A 134 -0.85 -13.64 0.90
N VAL A 135 -1.71 -12.77 1.41
CA VAL A 135 -2.89 -13.18 2.17
C VAL A 135 -4.10 -13.09 1.27
N PRO A 136 -4.78 -14.21 0.96
CA PRO A 136 -5.95 -14.15 0.08
C PRO A 136 -7.07 -13.31 0.69
N VAL A 137 -7.76 -12.58 -0.18
CA VAL A 137 -8.84 -11.68 0.22
C VAL A 137 -9.94 -11.75 -0.82
N ARG A 138 -11.19 -11.83 -0.36
CA ARG A 138 -12.37 -11.82 -1.23
C ARG A 138 -12.98 -10.43 -1.19
N ARG A 139 -12.94 -9.74 -2.33
CA ARG A 139 -13.49 -8.40 -2.41
C ARG A 139 -15.00 -8.42 -2.15
N ARG A 140 -15.45 -7.59 -1.22
CA ARG A 140 -16.85 -7.49 -0.85
C ARG A 140 -17.30 -6.03 -0.90
N GLY A 141 -17.06 -5.38 -2.04
CA GLY A 141 -17.40 -3.99 -2.22
C GLY A 141 -16.29 -3.26 -2.92
N ASP A 142 -16.40 -1.93 -2.97
CA ASP A 142 -15.41 -1.13 -3.66
C ASP A 142 -14.14 -0.94 -2.85
N THR A 143 -14.24 -0.90 -1.52
CA THR A 143 -13.09 -0.64 -0.68
C THR A 143 -12.89 -1.68 0.41
N ARG A 144 -13.60 -2.81 0.36
CA ARG A 144 -13.52 -3.82 1.41
C ARG A 144 -13.19 -5.17 0.82
N GLY A 145 -12.56 -6.01 1.63
CA GLY A 145 -12.23 -7.36 1.25
C GLY A 145 -12.12 -8.26 2.46
N ALA A 146 -12.81 -9.39 2.43
CA ALA A 146 -12.85 -10.30 3.57
C ALA A 146 -11.69 -11.28 3.51
N LEU A 147 -11.10 -11.57 4.66
CA LEU A 147 -10.03 -12.54 4.75
C LEU A 147 -10.59 -13.96 4.80
N LEU A 148 -10.04 -14.84 3.98
CA LEU A 148 -10.47 -16.23 3.97
C LEU A 148 -10.18 -16.91 5.31
N SER A 149 -9.13 -16.48 5.99
CA SER A 149 -8.76 -17.00 7.30
C SER A 149 -8.33 -15.85 8.19
N PRO A 150 -9.01 -15.59 9.30
CA PRO A 150 -8.62 -14.48 10.17
C PRO A 150 -7.14 -14.52 10.52
N ARG A 151 -6.48 -13.36 10.43
CA ARG A 151 -5.08 -13.20 10.81
C ARG A 151 -4.95 -12.32 12.05
N PRO A 152 -3.99 -12.60 12.94
CA PRO A 152 -3.72 -11.66 14.03
C PRO A 152 -3.32 -10.30 13.46
N ILE A 153 -3.77 -9.24 14.13
CA ILE A 153 -3.51 -7.89 13.63
C ILE A 153 -2.01 -7.61 13.57
N SER A 154 -1.23 -8.27 14.43
CA SER A 154 0.21 -8.04 14.44
C SER A 154 0.86 -8.45 13.13
N THR A 155 0.30 -9.42 12.42
CA THR A 155 0.89 -9.88 11.17
C THR A 155 0.58 -8.92 10.02
N LEU A 156 -0.41 -8.07 10.17
CA LEU A 156 -0.72 -7.05 9.16
C LEU A 156 -0.17 -5.68 9.54
N LYS A 157 0.22 -5.50 10.80
CA LYS A 157 0.78 -4.23 11.24
C LYS A 157 2.04 -3.90 10.45
N GLY A 158 2.11 -2.67 9.95
CA GLY A 158 3.24 -2.23 9.16
C GLY A 158 3.12 -2.49 7.68
N SER A 159 1.97 -2.98 7.20
CA SER A 159 1.78 -3.28 5.79
C SER A 159 0.82 -2.30 5.11
N SER A 160 0.40 -1.23 5.78
CA SER A 160 -0.35 -0.19 5.11
C SER A 160 0.48 0.35 3.95
N GLY A 161 -0.20 0.65 2.84
CA GLY A 161 0.45 1.07 1.62
C GLY A 161 0.87 -0.06 0.71
N GLY A 162 0.72 -1.31 1.14
CA GLY A 162 1.00 -2.44 0.31
C GLY A 162 -0.13 -2.70 -0.66
N PRO A 163 0.14 -3.42 -1.75
CA PRO A 163 -0.89 -3.67 -2.76
C PRO A 163 -1.75 -4.88 -2.45
N LEU A 164 -2.98 -4.80 -2.95
CA LEU A 164 -3.83 -5.98 -3.11
C LEU A 164 -3.76 -6.37 -4.59
N LEU A 165 -3.30 -7.58 -4.86
CA LEU A 165 -3.07 -8.04 -6.22
C LEU A 165 -4.16 -9.01 -6.65
N CYS A 166 -4.50 -8.96 -7.93
CA CYS A 166 -5.45 -9.88 -8.55
C CYS A 166 -4.72 -11.13 -8.99
N PRO A 167 -5.42 -12.17 -9.46
CA PRO A 167 -4.70 -13.40 -9.88
C PRO A 167 -3.67 -13.17 -10.97
N MET A 168 -3.74 -12.06 -11.70
CA MET A 168 -2.78 -11.77 -12.76
C MET A 168 -1.57 -11.00 -12.26
N GLY A 169 -1.50 -10.68 -10.97
CA GLY A 169 -0.41 -9.89 -10.45
C GLY A 169 -0.56 -8.40 -10.62
N HIS A 170 -1.77 -7.93 -10.92
CA HIS A 170 -2.05 -6.51 -11.09
C HIS A 170 -2.62 -5.94 -9.80
N VAL A 171 -2.36 -4.65 -9.57
CA VAL A 171 -2.76 -4.00 -8.33
C VAL A 171 -4.20 -3.54 -8.44
N ALA A 172 -5.06 -4.09 -7.58
CA ALA A 172 -6.47 -3.71 -7.54
C ALA A 172 -6.77 -2.70 -6.44
N GLY A 173 -5.89 -2.56 -5.46
CA GLY A 173 -6.13 -1.65 -4.35
C GLY A 173 -4.88 -1.47 -3.52
N LEU A 174 -5.02 -0.63 -2.50
CA LEU A 174 -3.90 -0.25 -1.64
C LEU A 174 -4.33 -0.36 -0.18
N PHE A 175 -3.59 -1.16 0.59
CA PHE A 175 -3.97 -1.49 1.97
C PHE A 175 -4.00 -0.23 2.83
N ARG A 176 -5.13 0.02 3.46
CA ARG A 176 -5.31 1.21 4.29
C ARG A 176 -5.62 0.87 5.75
N ALA A 177 -6.63 0.05 6.00
CA ALA A 177 -7.03 -0.27 7.37
C ALA A 177 -7.54 -1.70 7.41
N ALA A 178 -7.67 -2.22 8.63
CA ALA A 178 -8.12 -3.58 8.86
C ALA A 178 -9.35 -3.57 9.74
N VAL A 179 -10.29 -4.45 9.43
CA VAL A 179 -11.48 -4.67 10.26
C VAL A 179 -11.08 -5.66 11.36
N CYS A 180 -11.08 -5.18 12.61
CA CYS A 180 -10.48 -5.89 13.72
C CYS A 180 -11.52 -6.15 14.80
N THR A 181 -11.61 -7.40 15.25
CA THR A 181 -12.41 -7.77 16.41
C THR A 181 -11.59 -8.70 17.28
N ARG A 182 -11.54 -8.42 18.58
CA ARG A 182 -10.78 -9.22 19.53
C ARG A 182 -9.33 -9.39 19.08
N GLY A 183 -8.78 -8.32 18.51
CA GLY A 183 -7.41 -8.33 18.05
C GLY A 183 -7.14 -9.17 16.83
N VAL A 184 -8.19 -9.65 16.15
CA VAL A 184 -8.06 -10.50 14.98
C VAL A 184 -8.64 -9.78 13.78
N ALA A 185 -7.91 -9.79 12.67
CA ALA A 185 -8.34 -9.15 11.44
C ALA A 185 -9.21 -10.12 10.65
N LYS A 186 -10.45 -9.71 10.37
CA LYS A 186 -11.38 -10.50 9.58
C LYS A 186 -11.64 -9.92 8.20
N ALA A 187 -11.24 -8.67 7.96
CA ALA A 187 -11.43 -8.01 6.68
C ALA A 187 -10.47 -6.83 6.61
N VAL A 188 -10.31 -6.30 5.40
CA VAL A 188 -9.41 -5.18 5.16
C VAL A 188 -10.14 -4.09 4.39
N ASP A 189 -9.65 -2.87 4.54
CA ASP A 189 -10.13 -1.70 3.82
C ASP A 189 -8.98 -1.12 3.00
N PHE A 190 -9.23 -0.84 1.72
CA PHE A 190 -8.18 -0.43 0.81
C PHE A 190 -8.67 0.68 -0.10
N VAL A 191 -7.72 1.45 -0.61
CA VAL A 191 -7.99 2.49 -1.61
C VAL A 191 -8.07 1.82 -2.97
N PRO A 192 -9.18 1.93 -3.70
CA PRO A 192 -9.27 1.28 -5.02
C PRO A 192 -8.22 1.84 -5.96
N VAL A 193 -7.67 0.96 -6.81
CA VAL A 193 -6.64 1.37 -7.76
C VAL A 193 -7.13 2.49 -8.66
N GLU A 194 -8.44 2.54 -8.91
CA GLU A 194 -9.00 3.61 -9.74
C GLU A 194 -8.69 4.98 -9.17
N SER A 195 -8.54 5.08 -7.84
CA SER A 195 -8.23 6.35 -7.20
C SER A 195 -6.74 6.68 -7.21
N LEU A 196 -5.91 5.84 -7.80
CA LEU A 196 -4.46 6.06 -7.85
C LEU A 196 -4.03 6.61 -9.20
N GLU A 197 -4.73 7.64 -9.68
CA GLU A 197 -4.46 8.23 -10.98
C GLU A 197 -3.77 9.58 -10.81
N THR A 198 -3.18 10.05 -11.90
CA THR A 198 -2.39 11.28 -11.91
C THR A 198 -3.07 12.41 -11.15
ZN ZN B . -6.69 -8.09 -12.62
C13 O31 C . -3.85 -1.87 9.29
C20 O31 C . -4.95 2.40 10.27
C21 O31 C . -4.39 3.69 10.77
C22 O31 C . -5.55 4.29 11.49
C01 O31 C . 0.41 2.84 11.89
C02 O31 C . 1.22 2.35 10.68
C03 O31 C . 2.69 2.79 10.65
C04 O31 C . 1.68 3.41 9.68
C09 O31 C . -1.41 -0.64 9.20
C11 O31 C . -2.93 -0.70 8.89
C12 O31 C . -3.28 -1.78 7.87
C14 O31 C . -3.38 -3.01 10.23
C18 O31 C . -4.01 1.22 10.23
C23 O31 C . -6.06 3.14 12.29
C25 O31 C . -6.69 0.72 11.33
C27 O31 C . -7.71 0.40 12.42
C29 O31 C . -9.94 0.70 11.29
C32 O31 C . -12.05 0.98 10.16
C33 O31 C . -13.13 0.14 9.54
C34 O31 C . -12.69 -0.08 8.12
C35 O31 C . -11.88 1.18 7.72
C36 O31 C . -11.58 1.92 9.04
C38 O31 C . -11.54 4.19 9.70
C39 O31 C . -10.45 4.67 8.70
C40 O31 C . -9.16 4.58 9.05
C41 O31 C . -8.05 5.02 8.07
C42 O31 C . -7.19 6.15 8.66
C44 O31 C . -6.23 8.51 8.53
C45 O31 C . -6.14 9.75 7.84
C46 O31 C . -5.34 10.79 8.38
C47 O31 C . -4.64 10.58 9.59
C48 O31 C . -4.74 9.36 10.27
C49 O31 C . -5.54 8.32 9.74
C51 O31 C . -6.46 5.93 9.95
C55 O31 C . -7.16 -0.61 13.45
C56 O31 C . -5.91 -0.01 14.15
C57 O31 C . -6.78 -1.96 12.77
C58 O31 C . -8.27 -0.87 14.52
F15 O31 C . -2.18 -2.78 10.82
F16 O31 C . -3.35 -4.19 9.53
F53 O31 C . -7.24 3.95 7.83
F54 O31 C . -8.59 5.43 6.88
N08 O31 C . -0.83 0.64 9.61
N17 O31 C . -3.79 0.52 8.94
N24 O31 C . -5.96 2.01 11.31
N28 O31 C . -8.87 -0.17 11.78
N43 O31 C . -7.09 7.40 7.96
N50 O31 C . -5.64 6.99 10.50
O06 O31 C . 1.68 0.43 8.78
O07 O31 C . 1.24 -0.35 10.88
O10 O31 C . -0.72 -1.60 9.09
O19 O31 C . -3.50 0.83 11.23
O26 O31 C . -6.49 -0.08 10.46
O30 O31 C . -9.90 1.87 11.50
O31 O31 C . -11.02 0.12 10.56
O37 O31 C . -12.26 3.13 9.10
O52 O31 C . -6.60 4.65 10.60
S05 O31 C . 0.85 0.72 9.95
H131 O31 C . -4.76 -1.58 9.38
H201 O31 C . -5.27 2.61 9.38
H212 O31 C . -3.65 3.52 11.37
H211 O31 C . -4.10 4.25 10.04
H221 O31 C . -5.24 5.06 12.01
H012 O31 C . 0.37 2.15 12.57
H013 O31 C . -0.49 3.06 11.60
H011 O31 C . 0.82 3.64 12.25
H031 O31 C . 3.31 2.15 10.25
H032 O31 C . 2.98 3.35 11.38
H042 O31 C . 1.42 4.33 9.89
H041 O31 C . 1.74 3.12 8.76
H122 O31 C . -3.91 -1.53 7.18
H121 O31 C . -2.56 -2.41 7.67
H141 O31 C . -4.03 -3.07 10.95
H231 O31 C . -5.50 2.98 13.07
H232 O31 C . -6.98 3.30 12.56
H271 O31 C . -7.93 1.22 12.90
H321 O31 C . -12.39 1.52 10.89
H332 O31 C . -13.98 0.60 9.56
H331 O31 C . -13.19 -0.71 10.01
H342 O31 C . -13.46 -0.17 7.55
H341 O31 C . -12.13 -0.87 8.06
H352 O31 C . -11.06 0.92 7.29
H351 O31 C . -12.42 1.74 7.14
H361 O31 C . -10.63 2.08 9.13
H382 O31 C . -11.13 3.89 10.52
H381 O31 C . -12.14 4.93 9.89
H391 O31 C . -10.69 5.00 7.86
H401 O31 C . -8.93 4.25 9.88
H451 O31 C . -6.60 9.88 7.04
H461 O31 C . -5.26 11.59 7.93
H471 O31 C . -4.12 11.27 9.94
H481 O31 C . -4.29 9.23 11.07
H563 O31 C . -5.66 -0.56 14.91
H562 O31 C . -6.10 0.89 14.45
H561 O31 C . -5.16 0.01 13.51
H571 O31 C . -6.49 -2.59 13.44
H573 O31 C . -6.07 -1.81 12.13
H572 O31 C . -7.56 -2.31 12.30
H583 O31 C . -7.88 -1.35 15.27
H582 O31 C . -8.98 -1.41 14.13
H581 O31 C . -8.63 -0.03 14.83
H081 O31 C . -1.32 1.34 9.68
H171 O31 C . -4.14 0.82 8.22
H281 O31 C . -8.93 -1.03 11.69
#